data_6HHE
#
_entry.id   6HHE
#
_cell.length_a   43.030
_cell.length_b   43.030
_cell.length_c   136.372
_cell.angle_alpha   90.00
_cell.angle_beta   90.00
_cell.angle_gamma   90.00
#
_symmetry.space_group_name_H-M   'P 41 21 2'
#
loop_
_entity.id
_entity.type
_entity.pdbx_description
1 polymer 'Odorant binding protein OBP69a'
2 non-polymer 'SULFATE ION'
3 non-polymer 2-(2-METHOXYETHOXY)ETHANOL
4 water water
#
_entity_poly.entity_id   1
_entity_poly.type   'polypeptide(L)'
_entity_poly.pdbx_seq_one_letter_code
;LEVPKHMRSGAKKLTNLCIKETGVTEDLFIEAQETGKMPNNQRLKCFIHCVLDKIGLIDADNIVHLDNLLEILPPEFVPI
VEELHTTCGTQSGADGCETAFLTTECYIKTNPVILKLLFTTFSE
;
_entity_poly.pdbx_strand_id   A
#
loop_
_chem_comp.id
_chem_comp.type
_chem_comp.name
_chem_comp.formula
PG0 non-polymer 2-(2-METHOXYETHOXY)ETHANOL 'C5 H12 O3'
SO4 non-polymer 'SULFATE ION' 'O4 S -2'
#
# COMPACT_ATOMS: atom_id res chain seq x y z
N SER A 9 4.84 6.18 -17.64
CA SER A 9 3.94 5.15 -17.12
C SER A 9 4.49 4.56 -15.84
N GLY A 10 4.83 5.45 -14.89
CA GLY A 10 5.57 5.01 -13.72
C GLY A 10 4.83 4.00 -12.88
N ALA A 11 3.57 4.31 -12.54
CA ALA A 11 2.83 3.44 -11.63
C ALA A 11 2.59 2.06 -12.23
N LYS A 12 2.29 2.02 -13.53
CA LYS A 12 2.10 0.73 -14.19
C LYS A 12 3.40 -0.05 -14.27
N LYS A 13 4.53 0.64 -14.52
CA LYS A 13 5.82 -0.03 -14.49
C LYS A 13 6.07 -0.65 -13.11
N LEU A 14 5.82 0.13 -12.07
CA LEU A 14 6.02 -0.35 -10.70
C LEU A 14 5.13 -1.56 -10.41
N THR A 15 3.84 -1.46 -10.77
CA THR A 15 2.89 -2.55 -10.53
C THR A 15 3.34 -3.82 -11.23
N ASN A 16 3.77 -3.71 -12.48
CA ASN A 16 4.26 -4.86 -13.22
C ASN A 16 5.36 -5.57 -12.49
N LEU A 17 6.42 -4.83 -12.12
CA LEU A 17 7.56 -5.42 -11.42
C LEU A 17 7.10 -6.16 -10.17
N CYS A 18 6.24 -5.52 -9.40
CA CYS A 18 5.86 -6.12 -8.13
C CYS A 18 4.94 -7.32 -8.32
N ILE A 19 4.08 -7.30 -9.34
CA ILE A 19 3.33 -8.51 -9.69
C ILE A 19 4.28 -9.66 -10.02
N LYS A 20 5.31 -9.40 -10.84
CA LYS A 20 6.15 -10.50 -11.27
C LYS A 20 6.98 -11.03 -10.12
N GLU A 21 7.41 -10.11 -9.24
N GLU A 21 7.46 -10.17 -9.21
CA GLU A 21 8.29 -10.43 -8.12
CA GLU A 21 8.28 -10.73 -8.13
C GLU A 21 7.57 -11.21 -7.04
C GLU A 21 7.45 -11.47 -7.10
N THR A 22 6.25 -10.98 -6.82
CA THR A 22 5.50 -11.57 -5.74
C THR A 22 4.57 -12.70 -6.15
N GLY A 23 4.25 -12.81 -7.44
CA GLY A 23 3.27 -13.81 -7.85
C GLY A 23 1.82 -13.53 -7.47
N VAL A 24 1.50 -12.32 -7.02
CA VAL A 24 0.10 -11.93 -6.83
C VAL A 24 -0.66 -12.09 -8.13
N THR A 25 -1.90 -12.56 -8.05
CA THR A 25 -2.73 -12.82 -9.21
C THR A 25 -3.94 -11.91 -9.22
N GLU A 26 -4.49 -11.70 -10.41
CA GLU A 26 -5.61 -10.76 -10.58
C GLU A 26 -6.83 -11.15 -9.74
N ASP A 27 -7.06 -12.45 -9.49
CA ASP A 27 -8.19 -12.85 -8.66
C ASP A 27 -8.14 -12.23 -7.26
N LEU A 28 -6.93 -12.01 -6.72
CA LEU A 28 -6.80 -11.40 -5.41
C LEU A 28 -7.21 -9.94 -5.44
N PHE A 29 -6.79 -9.22 -6.48
CA PHE A 29 -7.21 -7.82 -6.59
C PHE A 29 -8.72 -7.71 -6.81
N ILE A 30 -9.28 -8.57 -7.66
CA ILE A 30 -10.73 -8.55 -7.88
C ILE A 30 -11.45 -8.85 -6.58
N GLU A 31 -10.97 -9.84 -5.81
CA GLU A 31 -11.63 -10.17 -4.56
C GLU A 31 -11.62 -8.98 -3.59
N ALA A 32 -10.48 -8.29 -3.47
CA ALA A 32 -10.41 -7.11 -2.61
C ALA A 32 -11.40 -6.05 -3.05
N GLN A 33 -11.47 -5.80 -4.35
CA GLN A 33 -12.36 -4.74 -4.83
C GLN A 33 -13.82 -5.12 -4.69
N GLU A 34 -14.18 -6.35 -5.04
CA GLU A 34 -15.57 -6.77 -5.06
C GLU A 34 -16.12 -6.96 -3.66
N THR A 35 -15.27 -7.36 -2.71
CA THR A 35 -15.72 -7.61 -1.34
C THR A 35 -15.47 -6.46 -0.39
N GLY A 36 -14.59 -5.53 -0.72
CA GLY A 36 -14.21 -4.50 0.23
C GLY A 36 -13.33 -4.97 1.37
N LYS A 37 -12.84 -6.22 1.31
CA LYS A 37 -12.03 -6.81 2.36
C LYS A 37 -10.82 -7.40 1.66
N MET A 38 -9.63 -6.86 1.93
CA MET A 38 -8.42 -7.50 1.32
C MET A 38 -8.28 -8.94 1.81
N PRO A 39 -8.14 -9.89 0.92
CA PRO A 39 -7.98 -11.27 1.37
C PRO A 39 -6.60 -11.46 2.01
N ASN A 40 -6.57 -12.31 3.05
CA ASN A 40 -5.34 -12.56 3.81
C ASN A 40 -4.46 -13.58 3.10
N ASN A 41 -4.03 -13.23 1.90
CA ASN A 41 -3.18 -14.10 1.11
C ASN A 41 -1.80 -13.50 1.12
N GLN A 42 -0.81 -14.33 1.40
CA GLN A 42 0.55 -13.81 1.54
C GLN A 42 1.06 -13.14 0.29
N ARG A 43 0.67 -13.60 -0.91
CA ARG A 43 1.18 -12.91 -2.10
C ARG A 43 0.65 -11.48 -2.22
N LEU A 44 -0.58 -11.23 -1.76
CA LEU A 44 -1.10 -9.86 -1.75
C LEU A 44 -0.37 -9.02 -0.71
N LYS A 45 -0.11 -9.58 0.47
CA LYS A 45 0.63 -8.85 1.49
C LYS A 45 1.99 -8.46 0.95
N CYS A 46 2.65 -9.37 0.25
CA CYS A 46 3.98 -9.07 -0.24
C CYS A 46 3.96 -8.13 -1.43
N PHE A 47 2.93 -8.18 -2.27
CA PHE A 47 2.77 -7.14 -3.29
C PHE A 47 2.70 -5.77 -2.65
N ILE A 48 1.86 -5.62 -1.61
CA ILE A 48 1.72 -4.32 -0.96
C ILE A 48 3.05 -3.89 -0.37
N HIS A 49 3.78 -4.80 0.26
CA HIS A 49 5.13 -4.45 0.74
C HIS A 49 6.03 -4.01 -0.40
N CYS A 50 5.97 -4.71 -1.53
CA CYS A 50 6.80 -4.41 -2.71
C CYS A 50 6.55 -2.99 -3.18
N VAL A 51 5.28 -2.60 -3.26
CA VAL A 51 4.94 -1.26 -3.71
C VAL A 51 5.47 -0.22 -2.74
N LEU A 52 5.23 -0.40 -1.45
CA LEU A 52 5.73 0.54 -0.45
C LEU A 52 7.25 0.67 -0.52
N ASP A 53 7.93 -0.46 -0.72
CA ASP A 53 9.39 -0.46 -0.76
C ASP A 53 9.90 0.25 -1.99
N LYS A 54 9.24 0.05 -3.14
CA LYS A 54 9.66 0.69 -4.40
C LYS A 54 9.53 2.19 -4.32
N ILE A 55 8.53 2.68 -3.61
CA ILE A 55 8.32 4.12 -3.44
C ILE A 55 9.19 4.69 -2.34
N GLY A 56 9.83 3.86 -1.55
CA GLY A 56 10.63 4.32 -0.44
C GLY A 56 9.92 4.56 0.86
N LEU A 57 8.74 3.96 1.07
CA LEU A 57 7.91 4.26 2.24
C LEU A 57 8.05 3.28 3.40
N ILE A 58 8.84 2.23 3.25
CA ILE A 58 9.07 1.31 4.36
C ILE A 58 10.54 0.90 4.33
N ASP A 59 11.17 0.91 5.50
CA ASP A 59 12.62 0.75 5.56
C ASP A 59 12.98 -0.69 5.90
N ALA A 60 14.29 -0.94 6.00
CA ALA A 60 14.75 -2.30 6.26
C ALA A 60 14.33 -2.82 7.62
N ASP A 61 13.98 -1.94 8.55
CA ASP A 61 13.49 -2.36 9.86
C ASP A 61 11.98 -2.52 9.89
N ASN A 62 11.34 -2.51 8.72
CA ASN A 62 9.88 -2.63 8.61
C ASN A 62 9.15 -1.49 9.32
N ILE A 63 9.72 -0.28 9.27
CA ILE A 63 9.05 0.91 9.79
C ILE A 63 8.58 1.74 8.61
N VAL A 64 7.33 2.20 8.68
CA VAL A 64 6.73 2.94 7.59
C VAL A 64 6.98 4.42 7.76
N HIS A 65 7.32 5.09 6.66
CA HIS A 65 7.60 6.53 6.66
C HIS A 65 6.76 7.22 5.60
N LEU A 66 5.43 7.15 5.77
CA LEU A 66 4.55 7.80 4.80
C LEU A 66 4.77 9.31 4.79
N ASP A 67 5.23 9.87 5.91
CA ASP A 67 5.45 11.30 5.95
C ASP A 67 6.49 11.76 4.94
N ASN A 68 7.25 10.83 4.35
CA ASN A 68 8.20 11.19 3.29
C ASN A 68 7.49 11.85 2.12
N LEU A 69 6.27 11.40 1.84
CA LEU A 69 5.50 11.97 0.74
C LEU A 69 5.25 13.46 0.91
N LEU A 70 5.39 13.99 2.13
CA LEU A 70 5.06 15.38 2.42
C LEU A 70 6.07 16.34 1.82
N GLU A 71 7.34 15.96 1.82
CA GLU A 71 8.33 16.80 1.15
C GLU A 71 8.21 16.71 -0.36
N ILE A 72 7.57 15.66 -0.86
CA ILE A 72 7.50 15.33 -2.28
C ILE A 72 6.22 15.85 -2.92
N LEU A 73 5.10 15.76 -2.23
CA LEU A 73 3.89 15.93 -3.03
C LEU A 73 3.42 17.36 -3.03
N PRO A 74 2.60 17.71 -4.02
CA PRO A 74 2.03 19.03 -4.06
C PRO A 74 1.23 19.29 -2.79
N PRO A 75 1.12 20.53 -2.39
CA PRO A 75 0.41 20.87 -1.16
C PRO A 75 -0.98 20.25 -1.07
N GLU A 76 -1.68 20.03 -2.19
CA GLU A 76 -3.04 19.52 -2.09
C GLU A 76 -3.11 18.13 -1.48
N PHE A 77 -2.00 17.38 -1.46
CA PHE A 77 -2.00 16.05 -0.83
C PHE A 77 -1.63 16.05 0.64
N VAL A 78 -1.19 17.19 1.18
CA VAL A 78 -0.68 17.20 2.55
C VAL A 78 -1.69 16.73 3.57
N PRO A 79 -2.93 17.24 3.61
CA PRO A 79 -3.85 16.82 4.67
C PRO A 79 -4.13 15.34 4.64
N ILE A 80 -4.22 14.77 3.44
CA ILE A 80 -4.52 13.34 3.34
C ILE A 80 -3.37 12.50 3.84
N VAL A 81 -2.14 12.85 3.41
CA VAL A 81 -0.99 12.09 3.86
C VAL A 81 -0.76 12.24 5.35
N GLU A 82 -0.85 13.49 5.85
N GLU A 82 -0.87 13.47 5.87
CA GLU A 82 -0.72 13.75 7.28
CA GLU A 82 -0.69 13.67 7.30
C GLU A 82 -1.66 12.86 8.09
C GLU A 82 -1.67 12.83 8.11
N GLU A 83 -2.92 12.77 7.68
CA GLU A 83 -3.90 12.04 8.45
C GLU A 83 -3.59 10.54 8.45
N LEU A 84 -3.20 9.98 7.30
CA LEU A 84 -2.85 8.56 7.26
C LEU A 84 -1.63 8.25 8.10
N HIS A 85 -0.63 9.11 8.04
CA HIS A 85 0.58 8.92 8.81
C HIS A 85 0.32 9.01 10.31
N THR A 86 -0.43 10.02 10.73
CA THR A 86 -0.62 10.19 12.18
C THR A 86 -1.59 9.16 12.72
N THR A 87 -2.62 8.77 11.93
CA THR A 87 -3.59 7.81 12.44
C THR A 87 -3.02 6.41 12.49
N CYS A 88 -2.23 6.04 11.48
CA CYS A 88 -1.88 4.66 11.24
C CYS A 88 -0.42 4.36 11.57
N GLY A 89 0.47 5.30 11.32
CA GLY A 89 1.89 5.06 11.60
C GLY A 89 2.34 3.73 11.03
N THR A 90 3.08 2.97 11.82
CA THR A 90 3.47 1.61 11.47
C THR A 90 2.60 0.65 12.29
N GLN A 91 1.84 -0.21 11.60
CA GLN A 91 1.10 -1.27 12.25
C GLN A 91 1.95 -2.52 12.12
N SER A 92 2.73 -2.84 13.16
CA SER A 92 3.77 -3.84 13.03
C SER A 92 3.23 -5.27 13.06
N GLY A 93 3.70 -6.07 12.14
CA GLY A 93 3.46 -7.50 12.15
C GLY A 93 4.78 -8.24 12.24
N ALA A 94 4.75 -9.52 11.94
CA ALA A 94 5.91 -10.38 12.19
C ALA A 94 7.03 -10.14 11.19
N ASP A 95 6.73 -9.63 10.01
CA ASP A 95 7.74 -9.35 9.00
C ASP A 95 7.25 -8.18 8.16
N GLY A 96 7.96 -7.92 7.06
CA GLY A 96 7.64 -6.75 6.27
C GLY A 96 6.30 -6.85 5.57
N CYS A 97 5.99 -8.04 5.03
CA CYS A 97 4.73 -8.20 4.31
C CYS A 97 3.56 -8.05 5.26
N GLU A 98 3.63 -8.65 6.46
CA GLU A 98 2.55 -8.49 7.44
C GLU A 98 2.41 -7.03 7.86
N THR A 99 3.52 -6.34 8.15
CA THR A 99 3.45 -4.91 8.47
C THR A 99 2.81 -4.11 7.35
N ALA A 100 3.22 -4.35 6.10
CA ALA A 100 2.61 -3.61 5.00
C ALA A 100 1.10 -3.84 4.96
N PHE A 101 0.69 -5.08 5.17
CA PHE A 101 -0.73 -5.43 5.10
C PHE A 101 -1.52 -4.80 6.22
N LEU A 102 -1.04 -4.95 7.46
CA LEU A 102 -1.74 -4.37 8.62
C LEU A 102 -1.81 -2.85 8.51
N THR A 103 -0.71 -2.21 8.07
CA THR A 103 -0.71 -0.77 7.94
C THR A 103 -1.69 -0.35 6.86
N THR A 104 -1.77 -1.11 5.76
CA THR A 104 -2.69 -0.74 4.68
C THR A 104 -4.15 -0.98 5.09
N GLU A 105 -4.38 -2.00 5.94
CA GLU A 105 -5.72 -2.17 6.49
C GLU A 105 -6.13 -0.94 7.27
N CYS A 106 -5.19 -0.36 8.04
CA CYS A 106 -5.48 0.87 8.76
C CYS A 106 -5.74 2.03 7.78
N TYR A 107 -4.94 2.15 6.72
CA TYR A 107 -5.17 3.19 5.72
C TYR A 107 -6.56 3.09 5.11
N ILE A 108 -7.02 1.87 4.83
CA ILE A 108 -8.31 1.67 4.18
C ILE A 108 -9.44 2.10 5.09
N LYS A 109 -9.29 1.81 6.40
CA LYS A 109 -10.28 2.26 7.39
C LYS A 109 -10.27 3.77 7.53
N THR A 110 -9.11 4.42 7.37
CA THR A 110 -8.93 5.84 7.64
C THR A 110 -9.37 6.71 6.48
N ASN A 111 -9.01 6.33 5.25
CA ASN A 111 -9.41 7.08 4.07
C ASN A 111 -9.81 6.13 2.95
N PRO A 112 -11.02 5.61 3.00
CA PRO A 112 -11.43 4.65 2.00
C PRO A 112 -11.48 5.21 0.60
N VAL A 113 -11.82 6.49 0.42
CA VAL A 113 -11.87 7.05 -0.92
C VAL A 113 -10.52 6.93 -1.57
N ILE A 114 -9.49 7.48 -0.89
CA ILE A 114 -8.16 7.44 -1.49
C ILE A 114 -7.68 6.01 -1.66
N LEU A 115 -7.89 5.14 -0.67
CA LEU A 115 -7.31 3.80 -0.80
C LEU A 115 -8.02 3.01 -1.89
N LYS A 116 -9.34 3.22 -2.09
CA LYS A 116 -10.01 2.53 -3.21
C LYS A 116 -9.43 2.98 -4.56
N LEU A 117 -9.21 4.29 -4.75
CA LEU A 117 -8.57 4.72 -5.99
C LEU A 117 -7.16 4.16 -6.14
N LEU A 118 -6.37 4.12 -5.05
CA LEU A 118 -5.03 3.59 -5.18
C LEU A 118 -5.07 2.12 -5.54
N PHE A 119 -6.03 1.38 -5.00
CA PHE A 119 -6.10 -0.04 -5.32
C PHE A 119 -6.44 -0.25 -6.79
N THR A 120 -7.22 0.61 -7.39
N THR A 120 -7.22 0.65 -7.39
CA THR A 120 -7.44 0.41 -8.82
CA THR A 120 -7.53 0.54 -8.81
C THR A 120 -6.14 0.73 -9.58
C THR A 120 -6.34 0.96 -9.67
N THR A 121 -5.38 1.70 -9.10
CA THR A 121 -4.14 2.09 -9.76
C THR A 121 -3.12 0.96 -9.72
N PHE A 122 -2.74 0.58 -8.50
CA PHE A 122 -1.78 -0.49 -8.27
C PHE A 122 -2.48 -1.85 -8.32
N SER A 123 -2.99 -2.16 -9.51
CA SER A 123 -3.74 -3.37 -9.81
C SER A 123 -3.47 -3.76 -11.25
N GLU A 124 -3.60 -5.05 -11.52
CA GLU A 124 -3.25 -5.63 -12.80
C GLU A 124 -4.40 -5.47 -13.80
S SO4 B . -16.33 -0.96 1.11
O1 SO4 B . -16.71 -2.29 1.63
O2 SO4 B . -16.51 -0.09 2.24
O3 SO4 B . -14.92 -1.03 0.70
O4 SO4 B . -17.08 -0.63 -0.11
S SO4 C . -10.47 -2.09 -1.02
O1 SO4 C . -10.22 -3.32 -0.27
O2 SO4 C . -11.86 -1.68 -0.87
O3 SO4 C . -10.19 -2.28 -2.44
O4 SO4 C . -9.59 -1.03 -0.50
C5 PG0 D . -8.17 14.81 5.12
O2 PG0 D . -9.25 14.52 4.27
C4 PG0 D . -9.66 13.17 4.44
C3 PG0 D . -10.63 12.68 3.37
O1 PG0 D . -10.03 12.67 2.09
C2 PG0 D . -10.95 12.21 1.14
C1 PG0 D . -10.41 12.51 -0.21
OTT PG0 D . -10.31 13.92 -0.43
#